data_6S9S
#
_entry.id   6S9S
#
_cell.length_a   79.509
_cell.length_b   117.117
_cell.length_c   93.971
_cell.angle_alpha   90.000
_cell.angle_beta   90.000
_cell.angle_gamma   90.000
#
_symmetry.space_group_name_H-M   'C 2 2 21'
#
loop_
_entity.id
_entity.type
_entity.pdbx_description
1 polymer 'Darpin 10'
2 polymer 'LIM domain-binding protein 1'
3 water water
#
loop_
_entity_poly.entity_id
_entity_poly.type
_entity_poly.pdbx_seq_one_letter_code
_entity_poly.pdbx_strand_id
1 'polypeptide(L)'
;MRGSHHHHHHHHHHGGGGSYPYDVPDYALEVLFQGPGSDLGKKLLEAARAGQDDEVRILMANGADVNAHDKRGHTPLHLA
ATNGHLEIVEVLLKTGADVNAYDRTGVTPLHLAAMWGHLEIVEVLLKAGADVNALDMVGYTPLHLAAWDGHLEIVEVLLK
HGADVNAQDKFGKTPFDLAIDNGNEDIAEVLQKAAKLN
;
F
2 'polypeptide(L)'
;GSSGIGRHTPYGNQTDYRIFELNKRLQNWTEECDNLWWDAFTTEFFEDDAMLTITFCLEDGPKRYTIGRTLIPRYFRSIF
EGGATELYYVLKHPKESFHNNFVSLDCDQCTMVTQHGKPMFTQVCVEGRLYLEFMFDDMMRIKTWHFSIRQHRELIPRSI
LAMHAQDPQMLDQLSKNITRCGLS
;
A
#
# COMPACT_ATOMS: atom_id res chain seq x y z
N SER A 38 -24.45 12.91 10.58
CA SER A 38 -24.17 13.97 9.58
C SER A 38 -22.98 14.82 10.05
N ASP A 39 -23.25 16.01 10.63
CA ASP A 39 -22.26 16.82 11.38
C ASP A 39 -21.49 15.92 12.34
N LEU A 40 -22.17 15.28 13.30
CA LEU A 40 -21.54 14.34 14.25
C LEU A 40 -20.89 13.19 13.47
N GLY A 41 -21.55 12.72 12.41
CA GLY A 41 -21.02 11.66 11.54
C GLY A 41 -19.53 11.87 11.30
N LYS A 42 -19.15 13.07 10.86
CA LYS A 42 -17.77 13.43 10.44
C LYS A 42 -16.83 13.35 11.64
N LYS A 43 -17.17 14.04 12.73
CA LYS A 43 -16.27 14.15 13.92
C LYS A 43 -15.83 12.75 14.36
N LEU A 44 -16.69 11.75 14.12
CA LEU A 44 -16.58 10.34 14.61
C LEU A 44 -15.70 9.54 13.67
N LEU A 45 -15.70 9.89 12.38
CA LEU A 45 -14.71 9.39 11.40
C LEU A 45 -13.35 9.98 11.78
N GLU A 46 -13.29 11.29 11.98
CA GLU A 46 -12.04 11.97 12.38
C GLU A 46 -11.47 11.27 13.60
N ALA A 47 -12.25 11.21 14.69
CA ALA A 47 -11.81 10.62 15.96
C ALA A 47 -11.45 9.15 15.82
N ALA A 48 -12.17 8.42 14.99
CA ALA A 48 -11.87 6.98 14.79
C ALA A 48 -10.51 6.84 14.13
N ARG A 49 -10.21 7.76 13.22
CA ARG A 49 -8.93 7.80 12.47
C ARG A 49 -7.80 8.07 13.48
N ALA A 50 -7.85 9.22 14.17
CA ALA A 50 -6.78 9.72 15.07
C ALA A 50 -6.64 8.86 16.34
N GLY A 51 -7.32 7.72 16.41
CA GLY A 51 -7.36 6.83 17.59
C GLY A 51 -7.69 7.55 18.90
N GLN A 52 -8.55 8.58 18.83
CA GLN A 52 -8.88 9.47 20.00
C GLN A 52 -9.96 8.81 20.88
N ASP A 53 -9.59 7.89 21.76
CA ASP A 53 -10.52 7.00 22.52
C ASP A 53 -11.61 7.82 23.26
N ASP A 54 -11.22 8.84 24.04
CA ASP A 54 -12.14 9.67 24.85
C ASP A 54 -13.12 10.41 23.95
N GLU A 55 -12.70 10.88 22.77
CA GLU A 55 -13.55 11.68 21.85
C GLU A 55 -14.54 10.77 21.09
N VAL A 56 -14.24 9.49 20.94
CA VAL A 56 -15.18 8.49 20.35
C VAL A 56 -16.34 8.25 21.34
N ARG A 57 -16.07 8.29 22.63
CA ARG A 57 -17.08 8.09 23.69
C ARG A 57 -18.00 9.30 23.80
N ILE A 58 -17.44 10.53 23.86
CA ILE A 58 -18.26 11.77 23.93
C ILE A 58 -19.26 11.75 22.75
N LEU A 59 -18.77 11.47 21.54
CA LEU A 59 -19.62 11.49 20.32
C LEU A 59 -20.69 10.38 20.40
N MET A 60 -20.28 9.14 20.67
CA MET A 60 -21.24 8.03 20.74
C MET A 60 -22.36 8.36 21.75
N ALA A 61 -22.00 9.01 22.87
CA ALA A 61 -22.92 9.47 23.95
C ALA A 61 -23.77 10.64 23.47
N ASN A 62 -23.35 11.35 22.40
CA ASN A 62 -24.07 12.54 21.88
C ASN A 62 -24.79 12.11 20.61
N GLY A 63 -24.84 10.78 20.39
CA GLY A 63 -25.73 10.14 19.41
C GLY A 63 -25.09 9.91 18.05
N ALA A 64 -23.76 9.97 17.93
CA ALA A 64 -23.07 9.82 16.63
C ALA A 64 -23.43 8.47 15.99
N ASP A 65 -23.70 8.45 14.69
CA ASP A 65 -24.06 7.21 13.96
C ASP A 65 -22.78 6.39 13.75
N VAL A 66 -22.72 5.18 14.29
CA VAL A 66 -21.52 4.31 14.23
C VAL A 66 -21.43 3.61 12.87
N ASN A 67 -22.46 3.70 12.01
CA ASN A 67 -22.43 3.21 10.60
C ASN A 67 -22.45 4.45 9.68
N ALA A 68 -21.93 5.58 10.15
CA ALA A 68 -21.70 6.78 9.34
C ALA A 68 -20.59 6.48 8.31
N HIS A 69 -20.66 7.09 7.12
CA HIS A 69 -19.71 6.80 6.00
C HIS A 69 -19.38 8.10 5.27
N ASP A 70 -18.14 8.19 4.75
CA ASP A 70 -17.61 9.32 3.93
C ASP A 70 -17.83 9.00 2.45
N LYS A 71 -17.39 9.91 1.57
CA LYS A 71 -17.52 9.80 0.09
C LYS A 71 -16.95 8.46 -0.42
N ARG A 72 -15.87 7.96 0.18
CA ARG A 72 -15.24 6.66 -0.18
C ARG A 72 -16.15 5.46 0.19
N GLY A 73 -17.05 5.63 1.18
CA GLY A 73 -17.81 4.55 1.82
C GLY A 73 -17.00 3.92 2.96
N HIS A 74 -16.09 4.70 3.54
CA HIS A 74 -15.35 4.27 4.76
C HIS A 74 -16.23 4.60 5.98
N THR A 75 -16.34 3.62 6.88
CA THR A 75 -16.99 3.73 8.22
C THR A 75 -15.91 3.91 9.28
N PRO A 76 -16.27 4.39 10.48
CA PRO A 76 -15.33 4.43 11.59
C PRO A 76 -14.52 3.12 11.69
N LEU A 77 -15.15 2.00 11.36
CA LEU A 77 -14.60 0.64 11.57
C LEU A 77 -13.45 0.41 10.58
N HIS A 78 -13.69 0.73 9.29
CA HIS A 78 -12.68 0.80 8.20
C HIS A 78 -11.46 1.60 8.66
N LEU A 79 -11.71 2.79 9.19
CA LEU A 79 -10.66 3.77 9.54
C LEU A 79 -9.83 3.24 10.71
N ALA A 80 -10.51 2.93 11.81
CA ALA A 80 -9.88 2.41 13.04
C ALA A 80 -9.16 1.11 12.69
N ALA A 81 -9.74 0.24 11.86
CA ALA A 81 -9.10 -1.04 11.46
C ALA A 81 -7.83 -0.82 10.60
N THR A 82 -7.77 0.26 9.81
CA THR A 82 -6.57 0.59 8.99
C THR A 82 -5.47 1.17 9.88
N ASN A 83 -5.79 2.11 10.78
CA ASN A 83 -4.77 2.75 11.67
C ASN A 83 -4.47 1.91 12.94
N GLY A 84 -5.04 0.70 13.09
CA GLY A 84 -4.64 -0.25 14.15
C GLY A 84 -5.24 0.07 15.53
N HIS A 85 -6.32 0.86 15.60
CA HIS A 85 -6.96 1.29 16.87
C HIS A 85 -7.93 0.21 17.37
N LEU A 86 -7.38 -0.77 18.07
CA LEU A 86 -8.06 -2.01 18.55
C LEU A 86 -9.25 -1.64 19.45
N GLU A 87 -9.06 -0.73 20.41
CA GLU A 87 -10.09 -0.46 21.44
C GLU A 87 -11.29 0.16 20.73
N ILE A 88 -11.03 0.98 19.70
CA ILE A 88 -12.14 1.68 19.00
C ILE A 88 -12.90 0.66 18.15
N VAL A 89 -12.17 -0.23 17.49
CA VAL A 89 -12.76 -1.38 16.78
C VAL A 89 -13.74 -2.07 17.74
N GLU A 90 -13.29 -2.52 18.90
CA GLU A 90 -14.10 -3.31 19.89
C GLU A 90 -15.39 -2.53 20.25
N VAL A 91 -15.27 -1.26 20.62
CA VAL A 91 -16.42 -0.44 21.10
C VAL A 91 -17.39 -0.12 19.96
N LEU A 92 -16.91 0.17 18.75
CA LEU A 92 -17.79 0.33 17.57
C LEU A 92 -18.59 -0.97 17.34
N LEU A 93 -17.91 -2.12 17.31
CA LEU A 93 -18.54 -3.44 17.04
C LEU A 93 -19.67 -3.70 18.05
N LYS A 94 -19.44 -3.30 19.30
CA LYS A 94 -20.33 -3.46 20.47
C LYS A 94 -21.59 -2.59 20.33
N THR A 95 -21.54 -1.44 19.63
CA THR A 95 -22.71 -0.51 19.55
C THR A 95 -23.47 -0.63 18.19
N GLY A 96 -23.22 -1.81 17.52
CA GLY A 96 -23.92 -2.18 16.26
C GLY A 96 -23.18 -1.79 14.97
N ALA A 97 -21.93 -1.30 15.01
CA ALA A 97 -21.13 -1.06 13.78
C ALA A 97 -21.16 -2.32 12.89
N ASP A 98 -21.50 -2.15 11.61
CA ASP A 98 -21.63 -3.28 10.65
C ASP A 98 -20.22 -3.85 10.41
N VAL A 99 -19.99 -5.07 10.88
CA VAL A 99 -18.70 -5.82 10.81
C VAL A 99 -18.32 -5.99 9.34
N ASN A 100 -19.32 -6.08 8.46
CA ASN A 100 -19.17 -6.48 7.04
C ASN A 100 -19.51 -5.31 6.11
N ALA A 101 -19.45 -4.07 6.60
CA ALA A 101 -19.72 -2.85 5.79
C ALA A 101 -18.66 -2.79 4.69
N TYR A 102 -19.07 -2.60 3.44
CA TYR A 102 -18.14 -2.56 2.27
C TYR A 102 -18.19 -1.15 1.64
N ASP A 103 -16.99 -0.56 1.42
CA ASP A 103 -16.80 0.77 0.77
C ASP A 103 -17.13 0.61 -0.71
N ARG A 104 -17.14 1.70 -1.46
CA ARG A 104 -17.42 1.72 -2.93
C ARG A 104 -16.54 0.73 -3.71
N THR A 105 -15.39 0.30 -3.20
CA THR A 105 -14.49 -0.63 -3.93
C THR A 105 -14.76 -2.06 -3.44
N GLY A 106 -15.75 -2.23 -2.58
CA GLY A 106 -16.16 -3.53 -2.01
C GLY A 106 -15.27 -3.93 -0.86
N VAL A 107 -14.58 -2.99 -0.21
CA VAL A 107 -13.51 -3.31 0.79
C VAL A 107 -14.09 -3.25 2.20
N THR A 108 -13.82 -4.30 3.00
CA THR A 108 -14.37 -4.48 4.37
C THR A 108 -13.25 -4.20 5.37
N PRO A 109 -13.59 -3.93 6.64
CA PRO A 109 -12.59 -3.74 7.67
C PRO A 109 -11.61 -4.91 7.78
N LEU A 110 -12.06 -6.13 7.45
CA LEU A 110 -11.24 -7.35 7.66
C LEU A 110 -10.18 -7.36 6.56
N HIS A 111 -10.58 -6.98 5.34
CA HIS A 111 -9.64 -6.68 4.21
C HIS A 111 -8.56 -5.75 4.73
N LEU A 112 -8.97 -4.61 5.33
CA LEU A 112 -8.01 -3.56 5.75
C LEU A 112 -7.13 -4.04 6.90
N ALA A 113 -7.71 -4.58 7.98
CA ALA A 113 -6.93 -5.15 9.10
C ALA A 113 -5.87 -6.11 8.55
N ALA A 114 -6.26 -7.02 7.65
CA ALA A 114 -5.37 -8.08 7.09
C ALA A 114 -4.24 -7.44 6.27
N MET A 115 -4.59 -6.46 5.41
CA MET A 115 -3.61 -5.79 4.52
C MET A 115 -2.56 -5.05 5.34
N TRP A 116 -2.94 -4.40 6.44
CA TRP A 116 -2.06 -3.47 7.21
C TRP A 116 -1.35 -4.19 8.37
N GLY A 117 -1.73 -5.46 8.61
CA GLY A 117 -1.00 -6.40 9.48
C GLY A 117 -1.37 -6.24 10.94
N HIS A 118 -2.67 -6.11 11.24
CA HIS A 118 -3.21 -5.83 12.59
C HIS A 118 -3.82 -7.10 13.17
N LEU A 119 -3.01 -7.92 13.86
CA LEU A 119 -3.39 -9.26 14.39
C LEU A 119 -4.67 -9.20 15.23
N GLU A 120 -4.64 -8.42 16.32
CA GLU A 120 -5.71 -8.42 17.36
C GLU A 120 -7.02 -7.99 16.69
N ILE A 121 -6.98 -6.99 15.81
CA ILE A 121 -8.17 -6.48 15.07
C ILE A 121 -8.70 -7.58 14.13
N VAL A 122 -7.82 -8.34 13.45
CA VAL A 122 -8.28 -9.49 12.61
C VAL A 122 -9.06 -10.49 13.49
N GLU A 123 -8.53 -10.83 14.66
CA GLU A 123 -9.17 -11.78 15.62
C GLU A 123 -10.53 -11.22 16.05
N VAL A 124 -10.60 -9.97 16.54
CA VAL A 124 -11.86 -9.34 17.02
C VAL A 124 -12.91 -9.32 15.89
N LEU A 125 -12.51 -9.10 14.63
CA LEU A 125 -13.48 -8.94 13.51
C LEU A 125 -14.09 -10.29 13.17
N LEU A 126 -13.27 -11.33 13.09
CA LEU A 126 -13.74 -12.70 12.81
C LEU A 126 -14.79 -13.13 13.86
N LYS A 127 -14.53 -12.81 15.14
CA LYS A 127 -15.38 -13.16 16.31
C LYS A 127 -16.72 -12.39 16.24
N ALA A 128 -16.71 -11.15 15.70
CA ALA A 128 -17.95 -10.38 15.46
C ALA A 128 -18.62 -10.80 14.13
N GLY A 129 -18.11 -11.84 13.44
CA GLY A 129 -18.69 -12.47 12.24
C GLY A 129 -18.20 -11.94 10.88
N ALA A 130 -17.13 -11.13 10.81
CA ALA A 130 -16.59 -10.61 9.53
C ALA A 130 -16.43 -11.76 8.53
N ASP A 131 -16.87 -11.55 7.29
CA ASP A 131 -16.82 -12.52 6.18
C ASP A 131 -15.34 -12.71 5.80
N VAL A 132 -14.83 -13.93 5.99
CA VAL A 132 -13.39 -14.30 5.89
C VAL A 132 -13.03 -14.42 4.40
N ASN A 133 -14.03 -14.61 3.54
CA ASN A 133 -13.80 -14.79 2.08
C ASN A 133 -14.52 -13.68 1.31
N ALA A 134 -14.62 -12.48 1.89
CA ALA A 134 -15.29 -11.30 1.30
C ALA A 134 -14.49 -10.80 0.09
N LEU A 135 -15.15 -10.45 -1.00
CA LEU A 135 -14.46 -10.04 -2.27
C LEU A 135 -14.64 -8.54 -2.53
N ASP A 136 -13.53 -7.83 -2.72
CA ASP A 136 -13.54 -6.42 -3.22
C ASP A 136 -13.70 -6.45 -4.74
N MET A 137 -13.75 -5.26 -5.36
CA MET A 137 -13.87 -4.97 -6.82
C MET A 137 -12.76 -5.69 -7.62
N VAL A 138 -11.62 -5.96 -7.01
CA VAL A 138 -10.40 -6.55 -7.67
C VAL A 138 -10.42 -8.09 -7.54
N GLY A 139 -11.31 -8.64 -6.70
CA GLY A 139 -11.29 -10.08 -6.35
C GLY A 139 -10.29 -10.40 -5.24
N TYR A 140 -9.83 -9.41 -4.47
CA TYR A 140 -8.94 -9.64 -3.30
C TYR A 140 -9.81 -10.12 -2.14
N THR A 141 -9.33 -11.17 -1.46
CA THR A 141 -9.82 -11.61 -0.14
C THR A 141 -8.86 -11.06 0.91
N PRO A 142 -9.25 -11.13 2.20
CA PRO A 142 -8.30 -10.84 3.27
C PRO A 142 -7.03 -11.67 3.15
N LEU A 143 -7.14 -12.93 2.76
CA LEU A 143 -5.98 -13.84 2.71
C LEU A 143 -4.98 -13.33 1.67
N HIS A 144 -5.46 -12.98 0.47
CA HIS A 144 -4.68 -12.30 -0.60
C HIS A 144 -3.89 -11.16 0.02
N LEU A 145 -4.53 -10.32 0.83
CA LEU A 145 -3.95 -9.05 1.33
C LEU A 145 -2.92 -9.37 2.41
N ALA A 146 -3.14 -10.46 3.15
CA ALA A 146 -2.26 -10.87 4.26
C ALA A 146 -1.07 -11.60 3.64
N ALA A 147 -1.34 -12.43 2.62
CA ALA A 147 -0.33 -13.08 1.75
C ALA A 147 0.65 -12.02 1.21
N TRP A 148 0.13 -10.84 0.88
CA TRP A 148 0.95 -9.68 0.45
C TRP A 148 1.69 -9.09 1.66
N ASP A 149 0.94 -8.58 2.65
CA ASP A 149 1.50 -7.84 3.82
C ASP A 149 2.65 -8.66 4.41
N GLY A 150 2.48 -9.98 4.49
CA GLY A 150 3.49 -10.92 5.03
C GLY A 150 3.42 -11.11 6.54
N HIS A 151 2.21 -11.14 7.12
CA HIS A 151 2.02 -11.42 8.57
C HIS A 151 1.67 -12.88 8.77
N LEU A 152 2.62 -13.65 9.32
CA LEU A 152 2.62 -15.14 9.35
C LEU A 152 1.40 -15.64 10.12
N GLU A 153 1.16 -15.09 11.30
CA GLU A 153 0.04 -15.52 12.17
C GLU A 153 -1.28 -15.12 11.51
N ILE A 154 -1.37 -13.90 10.98
CA ILE A 154 -2.65 -13.38 10.40
C ILE A 154 -3.12 -14.38 9.33
N VAL A 155 -2.22 -14.88 8.50
CA VAL A 155 -2.57 -15.88 7.45
C VAL A 155 -3.18 -17.12 8.13
N GLU A 156 -2.52 -17.71 9.13
CA GLU A 156 -2.99 -18.96 9.82
C GLU A 156 -4.37 -18.73 10.45
N VAL A 157 -4.60 -17.62 11.15
CA VAL A 157 -5.93 -17.27 11.72
C VAL A 157 -6.98 -17.25 10.59
N LEU A 158 -6.66 -16.67 9.44
CA LEU A 158 -7.62 -16.60 8.32
C LEU A 158 -7.86 -18.03 7.82
N LEU A 159 -6.81 -18.83 7.71
CA LEU A 159 -6.91 -20.21 7.17
C LEU A 159 -7.72 -21.05 8.16
N LYS A 160 -7.44 -20.89 9.46
CA LYS A 160 -8.23 -21.53 10.54
C LYS A 160 -9.71 -21.17 10.35
N HIS A 161 -10.04 -19.91 10.01
CA HIS A 161 -11.44 -19.41 9.91
C HIS A 161 -12.05 -19.71 8.53
N GLY A 162 -11.37 -20.54 7.72
CA GLY A 162 -11.85 -21.10 6.43
C GLY A 162 -11.64 -20.19 5.23
N ALA A 163 -10.55 -19.39 5.18
CA ALA A 163 -10.14 -18.60 4.00
C ALA A 163 -9.91 -19.53 2.81
N ASP A 164 -10.35 -19.13 1.60
CA ASP A 164 -10.21 -19.91 0.35
C ASP A 164 -8.76 -19.78 -0.12
N VAL A 165 -8.03 -20.88 -0.17
CA VAL A 165 -6.60 -20.90 -0.56
C VAL A 165 -6.53 -20.73 -2.07
N ASN A 166 -7.61 -21.10 -2.77
CA ASN A 166 -7.79 -21.15 -4.26
C ASN A 166 -8.42 -19.85 -4.82
N ALA A 167 -8.76 -18.85 -4.00
CA ALA A 167 -9.43 -17.61 -4.48
C ALA A 167 -8.53 -16.88 -5.48
N GLN A 168 -9.08 -16.50 -6.64
CA GLN A 168 -8.35 -15.81 -7.75
C GLN A 168 -8.80 -14.35 -7.85
N ASP A 169 -7.85 -13.43 -7.73
CA ASP A 169 -8.12 -11.99 -7.98
C ASP A 169 -8.34 -11.77 -9.49
N LYS A 170 -8.77 -10.55 -9.84
CA LYS A 170 -9.00 -10.06 -11.22
C LYS A 170 -7.89 -10.53 -12.17
N PHE A 171 -6.63 -10.67 -11.70
CA PHE A 171 -5.45 -11.05 -12.52
C PHE A 171 -5.14 -12.57 -12.42
N GLY A 172 -6.04 -13.39 -11.86
CA GLY A 172 -5.85 -14.85 -11.79
C GLY A 172 -4.83 -15.26 -10.75
N LYS A 173 -4.50 -14.34 -9.83
CA LYS A 173 -3.49 -14.56 -8.76
C LYS A 173 -4.20 -15.03 -7.47
N THR A 174 -3.58 -15.97 -6.77
CA THR A 174 -4.04 -16.57 -5.49
C THR A 174 -3.22 -15.99 -4.35
N PRO A 175 -3.70 -16.07 -3.09
CA PRO A 175 -2.87 -15.66 -1.96
C PRO A 175 -1.46 -16.24 -2.12
N PHE A 176 -1.35 -17.54 -2.46
CA PHE A 176 -0.06 -18.22 -2.74
C PHE A 176 0.78 -17.29 -3.62
N ASP A 177 0.28 -17.00 -4.83
CA ASP A 177 0.96 -16.26 -5.91
C ASP A 177 1.50 -14.95 -5.34
N LEU A 178 0.62 -14.17 -4.68
CA LEU A 178 0.91 -12.85 -4.10
C LEU A 178 2.11 -12.93 -3.13
N ALA A 179 2.24 -14.03 -2.40
CA ALA A 179 3.31 -14.22 -1.39
C ALA A 179 4.64 -14.50 -2.09
N ILE A 180 4.63 -15.23 -3.22
CA ILE A 180 5.81 -15.35 -4.12
C ILE A 180 6.14 -13.93 -4.65
N ASP A 181 5.17 -13.29 -5.29
CA ASP A 181 5.32 -11.93 -5.85
C ASP A 181 6.03 -11.04 -4.82
N ASN A 182 5.52 -10.92 -3.59
CA ASN A 182 6.03 -9.89 -2.65
C ASN A 182 7.16 -10.47 -1.79
N GLY A 183 7.61 -11.69 -2.11
CA GLY A 183 8.84 -12.32 -1.56
C GLY A 183 8.66 -12.76 -0.11
N ASN A 184 7.47 -13.27 0.24
CA ASN A 184 7.14 -13.89 1.55
C ASN A 184 7.10 -15.42 1.39
N GLU A 185 8.26 -16.08 1.47
CA GLU A 185 8.43 -17.53 1.14
C GLU A 185 7.99 -18.41 2.32
N ASP A 186 7.99 -17.90 3.56
CA ASP A 186 7.39 -18.59 4.74
C ASP A 186 5.89 -18.82 4.48
N ILE A 187 5.18 -17.75 4.11
CA ILE A 187 3.70 -17.73 3.95
C ILE A 187 3.29 -18.73 2.87
N ALA A 188 4.12 -18.87 1.83
CA ALA A 188 3.86 -19.65 0.60
C ALA A 188 4.02 -21.13 0.89
N GLU A 189 5.02 -21.49 1.71
CA GLU A 189 5.18 -22.87 2.27
C GLU A 189 3.82 -23.29 2.80
N VAL A 190 3.27 -22.49 3.71
CA VAL A 190 1.98 -22.74 4.41
C VAL A 190 0.87 -22.91 3.37
N LEU A 191 0.79 -21.98 2.41
CA LEU A 191 -0.33 -21.92 1.45
C LEU A 191 -0.25 -23.09 0.48
N GLN A 192 0.93 -23.68 0.29
CA GLN A 192 1.15 -24.91 -0.53
C GLN A 192 0.51 -26.14 0.14
N LYS A 193 -0.02 -26.02 1.35
CA LYS A 193 -0.51 -27.19 2.14
C LYS A 193 -2.00 -27.44 1.86
N ALA A 194 -2.84 -26.41 1.97
CA ALA A 194 -4.33 -26.51 1.95
C ALA A 194 -4.81 -27.11 0.63
N GLN B 14 -1.92 18.62 -19.07
CA GLN B 14 -0.46 18.32 -19.09
C GLN B 14 -0.18 17.23 -18.05
N THR B 15 0.25 16.05 -18.50
CA THR B 15 0.48 14.85 -17.66
C THR B 15 1.68 15.07 -16.74
N ASP B 16 2.72 15.71 -17.29
CA ASP B 16 4.00 16.04 -16.62
C ASP B 16 3.75 16.82 -15.33
N TYR B 17 2.86 17.81 -15.32
CA TYR B 17 2.42 18.47 -14.06
C TYR B 17 2.00 17.39 -13.04
N ARG B 18 1.27 16.33 -13.44
CA ARG B 18 0.66 15.36 -12.49
C ARG B 18 1.77 14.62 -11.73
N ILE B 19 2.88 14.27 -12.39
CA ILE B 19 4.01 13.55 -11.74
C ILE B 19 4.85 14.53 -10.93
N PHE B 20 4.80 15.80 -11.26
CA PHE B 20 5.39 16.84 -10.39
C PHE B 20 4.57 16.88 -9.09
N GLU B 21 3.25 17.02 -9.19
CA GLU B 21 2.29 17.07 -8.05
C GLU B 21 2.45 15.82 -7.17
N LEU B 22 2.57 14.64 -7.78
CA LEU B 22 2.86 13.35 -7.12
C LEU B 22 4.19 13.43 -6.36
N ASN B 23 5.27 13.90 -6.96
CA ASN B 23 6.55 13.99 -6.22
C ASN B 23 6.38 14.99 -5.09
N LYS B 24 5.61 16.05 -5.32
CA LYS B 24 5.40 17.12 -4.32
C LYS B 24 4.65 16.54 -3.09
N ARG B 25 3.64 15.70 -3.32
CA ARG B 25 2.85 15.12 -2.20
C ARG B 25 3.76 14.25 -1.33
N LEU B 26 4.55 13.38 -1.97
CA LEU B 26 5.49 12.46 -1.29
C LEU B 26 6.44 13.21 -0.36
N GLN B 27 6.59 14.52 -0.52
CA GLN B 27 7.51 15.31 0.33
C GLN B 27 6.94 15.45 1.75
N ASN B 28 5.61 15.39 1.86
CA ASN B 28 4.86 15.58 3.11
C ASN B 28 4.94 14.31 3.97
N TRP B 29 5.50 13.21 3.47
CA TRP B 29 5.57 11.93 4.25
C TRP B 29 6.62 12.04 5.34
N THR B 30 6.27 11.56 6.53
CA THR B 30 7.13 11.39 7.73
C THR B 30 6.78 10.02 8.34
N GLU B 31 7.67 9.47 9.16
CA GLU B 31 7.41 8.28 10.02
C GLU B 31 6.12 8.54 10.83
N GLU B 32 5.84 9.82 11.14
CA GLU B 32 4.67 10.30 11.92
C GLU B 32 3.35 10.18 11.14
N CYS B 33 3.33 9.81 9.86
CA CYS B 33 2.08 9.75 9.04
C CYS B 33 1.38 8.39 9.24
N ASP B 34 0.05 8.33 9.29
CA ASP B 34 -0.67 7.06 9.56
C ASP B 34 -0.91 6.31 8.24
N ASN B 35 -1.39 5.07 8.29
CA ASN B 35 -1.58 4.23 7.09
C ASN B 35 -2.63 4.87 6.16
N LEU B 36 -3.54 5.69 6.70
CA LEU B 36 -4.66 6.22 5.89
C LEU B 36 -4.21 7.38 5.00
N TRP B 37 -3.08 8.00 5.33
CA TRP B 37 -2.37 8.98 4.47
C TRP B 37 -2.08 8.35 3.09
N TRP B 38 -1.70 7.08 3.06
CA TRP B 38 -1.38 6.34 1.83
C TRP B 38 -2.63 6.11 0.98
N ASP B 39 -3.79 5.94 1.60
CA ASP B 39 -5.10 5.84 0.93
C ASP B 39 -5.47 7.21 0.34
N ALA B 40 -5.35 8.31 1.08
CA ALA B 40 -5.74 9.64 0.60
C ALA B 40 -4.83 10.02 -0.60
N PHE B 41 -3.55 9.67 -0.51
CA PHE B 41 -2.53 9.85 -1.55
C PHE B 41 -2.93 9.07 -2.80
N THR B 42 -3.30 7.80 -2.64
CA THR B 42 -3.69 6.94 -3.76
C THR B 42 -5.01 7.44 -4.36
N THR B 43 -5.88 8.04 -3.57
CA THR B 43 -7.17 8.58 -4.09
C THR B 43 -6.89 9.82 -4.94
N GLU B 44 -5.89 10.61 -4.58
CA GLU B 44 -5.63 11.87 -5.31
C GLU B 44 -5.05 11.58 -6.71
N PHE B 45 -4.20 10.56 -6.84
CA PHE B 45 -3.37 10.29 -8.04
C PHE B 45 -3.83 9.04 -8.81
N PHE B 46 -4.56 8.10 -8.22
CA PHE B 46 -4.97 6.86 -8.94
C PHE B 46 -6.49 6.74 -8.98
N GLU B 47 -7.00 6.16 -10.07
CA GLU B 47 -8.40 5.71 -10.26
C GLU B 47 -8.79 4.57 -9.31
N ASP B 48 -10.09 4.35 -9.14
CA ASP B 48 -10.61 3.39 -8.12
C ASP B 48 -10.31 1.99 -8.65
N ASP B 49 -10.20 1.83 -9.97
CA ASP B 49 -9.90 0.55 -10.66
C ASP B 49 -8.48 0.56 -11.24
N ALA B 50 -7.57 1.42 -10.75
CA ALA B 50 -6.17 1.51 -11.24
C ALA B 50 -5.53 0.13 -11.17
N MET B 51 -4.46 -0.03 -11.92
CA MET B 51 -3.62 -1.26 -11.97
C MET B 51 -2.19 -0.81 -11.92
N LEU B 52 -1.33 -1.54 -11.22
CA LEU B 52 0.08 -1.13 -11.06
C LEU B 52 0.92 -2.38 -11.28
N THR B 53 1.81 -2.33 -12.28
CA THR B 53 2.75 -3.43 -12.59
C THR B 53 4.17 -2.93 -12.34
N ILE B 54 5.00 -3.72 -11.68
CA ILE B 54 6.47 -3.48 -11.58
C ILE B 54 7.18 -4.71 -12.15
N THR B 55 7.97 -4.59 -13.21
CA THR B 55 8.85 -5.67 -13.71
C THR B 55 10.28 -5.38 -13.24
N PHE B 56 10.87 -6.33 -12.49
CA PHE B 56 12.16 -6.18 -11.76
C PHE B 56 13.33 -6.60 -12.68
N CYS B 57 14.55 -6.34 -12.24
CA CYS B 57 15.79 -6.47 -13.05
C CYS B 57 15.88 -7.92 -13.58
N LEU B 58 16.19 -8.11 -14.87
CA LEU B 58 16.27 -9.44 -15.52
C LEU B 58 17.62 -10.13 -15.22
N GLU B 59 18.45 -9.52 -14.37
CA GLU B 59 19.67 -10.13 -13.74
C GLU B 59 19.21 -11.13 -12.66
N ASP B 60 18.11 -10.82 -11.95
CA ASP B 60 17.46 -11.75 -11.00
C ASP B 60 16.56 -12.70 -11.81
N GLY B 61 15.61 -13.37 -11.15
CA GLY B 61 14.67 -14.34 -11.75
C GLY B 61 13.57 -13.65 -12.55
N PRO B 62 12.29 -14.07 -12.40
CA PRO B 62 11.17 -13.43 -13.09
C PRO B 62 10.71 -12.12 -12.43
N LYS B 63 10.22 -12.18 -11.18
CA LYS B 63 9.78 -11.06 -10.30
C LYS B 63 8.92 -10.04 -11.07
N ARG B 64 7.65 -9.85 -10.66
CA ARG B 64 6.63 -9.06 -11.39
C ARG B 64 5.38 -8.85 -10.51
N TYR B 65 5.34 -7.76 -9.72
CA TYR B 65 4.08 -7.27 -9.12
C TYR B 65 3.07 -6.99 -10.23
N THR B 66 1.83 -7.45 -10.06
CA THR B 66 0.61 -6.85 -10.66
C THR B 66 -0.42 -6.80 -9.54
N ILE B 67 -0.84 -5.59 -9.18
CA ILE B 67 -1.74 -5.33 -8.04
C ILE B 67 -2.79 -4.32 -8.47
N GLY B 68 -4.02 -4.45 -7.95
CA GLY B 68 -5.11 -3.47 -8.10
C GLY B 68 -5.12 -2.46 -6.97
N ARG B 69 -6.15 -1.62 -6.95
CA ARG B 69 -6.21 -0.36 -6.17
C ARG B 69 -6.06 -0.61 -4.66
N THR B 70 -6.55 -1.73 -4.13
CA THR B 70 -6.67 -1.86 -2.64
C THR B 70 -5.24 -2.00 -2.09
N LEU B 71 -4.34 -2.62 -2.86
CA LEU B 71 -2.93 -2.84 -2.48
C LEU B 71 -2.01 -1.66 -2.83
N ILE B 72 -2.45 -0.64 -3.56
CA ILE B 72 -1.51 0.42 -4.02
C ILE B 72 -1.02 1.24 -2.82
N PRO B 73 -1.90 1.64 -1.88
CA PRO B 73 -1.45 2.28 -0.64
C PRO B 73 -0.34 1.49 0.07
N ARG B 74 -0.48 0.17 0.06
CA ARG B 74 0.41 -0.76 0.81
C ARG B 74 1.75 -0.86 0.05
N TYR B 75 1.73 -0.90 -1.28
CA TYR B 75 2.96 -0.81 -2.13
C TYR B 75 3.81 0.41 -1.77
N PHE B 76 3.26 1.62 -1.92
CA PHE B 76 4.01 2.88 -1.70
C PHE B 76 4.56 2.91 -0.27
N ARG B 77 3.72 2.64 0.75
CA ARG B 77 4.17 2.54 2.17
C ARG B 77 5.46 1.72 2.25
N SER B 78 5.49 0.54 1.62
CA SER B 78 6.64 -0.42 1.67
C SER B 78 7.91 0.28 1.20
N ILE B 79 7.86 1.16 0.18
CA ILE B 79 9.09 1.85 -0.29
C ILE B 79 9.77 2.53 0.91
N PHE B 80 9.02 3.09 1.84
CA PHE B 80 9.59 3.72 3.06
C PHE B 80 9.76 2.73 4.24
N GLU B 81 9.41 1.46 4.10
CA GLU B 81 9.71 0.50 5.20
C GLU B 81 11.21 0.18 5.15
N GLY B 82 11.86 0.38 3.99
CA GLY B 82 13.27 0.02 3.74
C GLY B 82 14.26 0.84 4.57
N GLY B 83 13.84 2.04 5.01
CA GLY B 83 14.74 3.10 5.49
C GLY B 83 14.73 4.28 4.53
N ALA B 84 14.10 4.14 3.37
CA ALA B 84 13.90 5.26 2.43
C ALA B 84 13.12 6.35 3.19
N THR B 85 13.65 7.57 3.23
CA THR B 85 12.95 8.76 3.81
C THR B 85 12.65 9.82 2.74
N GLU B 86 12.70 9.47 1.46
CA GLU B 86 12.63 10.44 0.33
C GLU B 86 12.33 9.64 -0.93
N LEU B 87 11.32 10.00 -1.71
CA LEU B 87 11.02 9.30 -2.98
C LEU B 87 10.59 10.31 -4.03
N TYR B 88 11.25 10.33 -5.20
CA TYR B 88 10.71 11.04 -6.39
C TYR B 88 11.11 10.31 -7.67
N TYR B 89 10.27 10.50 -8.68
CA TYR B 89 10.38 9.94 -10.05
C TYR B 89 10.91 11.05 -11.00
N VAL B 90 12.03 10.82 -11.69
CA VAL B 90 12.63 11.76 -12.69
C VAL B 90 12.31 11.21 -14.09
N LEU B 91 11.55 11.97 -14.88
CA LEU B 91 11.08 11.58 -16.24
C LEU B 91 11.88 12.38 -17.27
N LYS B 92 12.87 11.76 -17.92
CA LYS B 92 13.67 12.42 -18.99
C LYS B 92 12.98 12.15 -20.34
N HIS B 93 12.45 13.19 -20.97
CA HIS B 93 11.94 13.15 -22.38
C HIS B 93 10.77 12.16 -22.49
N PRO B 94 9.69 12.31 -21.67
CA PRO B 94 8.47 11.54 -21.86
C PRO B 94 7.64 11.94 -23.09
N LYS B 95 7.06 10.93 -23.78
CA LYS B 95 6.08 11.02 -24.91
C LYS B 95 4.63 11.04 -24.41
N GLU B 96 3.98 12.22 -24.46
CA GLU B 96 2.52 12.37 -24.26
C GLU B 96 1.82 11.96 -25.57
N SER B 97 0.88 10.99 -25.58
CA SER B 97 -0.05 10.70 -26.72
C SER B 97 -1.51 10.76 -26.25
N PHE B 98 -2.43 11.20 -27.11
CA PHE B 98 -3.89 11.32 -26.82
C PHE B 98 -4.65 10.21 -27.56
N HIS B 99 -5.74 9.72 -26.93
CA HIS B 99 -6.65 8.65 -27.42
C HIS B 99 -8.08 9.05 -27.06
N ASN B 100 -9.06 8.14 -27.18
CA ASN B 100 -10.50 8.48 -26.99
C ASN B 100 -10.77 8.77 -25.52
N ASN B 101 -10.40 7.86 -24.64
CA ASN B 101 -10.85 7.88 -23.22
C ASN B 101 -9.74 8.45 -22.33
N PHE B 102 -8.50 8.55 -22.82
CA PHE B 102 -7.28 8.60 -21.97
C PHE B 102 -6.08 9.15 -22.74
N VAL B 103 -5.06 9.57 -21.96
CA VAL B 103 -3.71 10.08 -22.40
C VAL B 103 -2.67 9.06 -21.96
N SER B 104 -1.73 8.69 -22.84
CA SER B 104 -0.56 7.87 -22.48
C SER B 104 0.66 8.77 -22.28
N LEU B 105 1.58 8.32 -21.44
CA LEU B 105 2.87 8.98 -21.10
C LEU B 105 3.85 7.82 -21.06
N ASP B 106 4.71 7.70 -22.07
CA ASP B 106 5.72 6.62 -22.20
C ASP B 106 7.08 7.30 -21.95
N CYS B 107 7.73 6.98 -20.85
CA CYS B 107 9.06 7.55 -20.52
C CYS B 107 10.07 6.43 -20.42
N ASP B 108 10.89 6.29 -21.46
CA ASP B 108 11.93 5.23 -21.51
C ASP B 108 13.04 5.55 -20.50
N GLN B 109 13.26 6.85 -20.20
CA GLN B 109 14.32 7.25 -19.22
C GLN B 109 13.68 7.75 -17.91
N CYS B 110 13.00 6.86 -17.18
CA CYS B 110 12.49 7.15 -15.82
C CYS B 110 13.49 6.60 -14.81
N THR B 111 13.82 7.44 -13.83
CA THR B 111 14.57 7.08 -12.60
C THR B 111 13.67 7.29 -11.36
N MET B 112 13.44 6.22 -10.59
CA MET B 112 12.84 6.22 -9.23
C MET B 112 13.95 6.46 -8.20
N VAL B 113 14.01 7.63 -7.60
CA VAL B 113 15.10 8.01 -6.66
C VAL B 113 14.54 7.90 -5.23
N THR B 114 15.23 7.12 -4.39
CA THR B 114 14.99 7.12 -2.93
C THR B 114 16.30 7.45 -2.22
N GLN B 115 16.19 8.10 -1.08
CA GLN B 115 17.35 8.41 -0.22
C GLN B 115 17.12 7.68 1.10
N HIS B 116 18.02 6.82 1.53
CA HIS B 116 18.02 6.13 2.85
C HIS B 116 18.81 6.89 3.91
N GLY B 117 18.21 7.03 5.10
CA GLY B 117 18.93 7.27 6.36
C GLY B 117 18.79 8.69 6.85
N LYS B 118 18.93 8.85 8.17
CA LYS B 118 19.03 10.13 8.94
C LYS B 118 20.30 10.03 9.76
N PRO B 119 21.45 10.58 9.31
CA PRO B 119 21.55 11.28 8.04
C PRO B 119 21.63 10.30 6.84
N MET B 120 21.33 10.81 5.66
CA MET B 120 21.54 10.16 4.33
C MET B 120 22.90 9.44 4.33
N PHE B 121 22.89 8.15 4.01
CA PHE B 121 24.09 7.28 3.92
C PHE B 121 24.05 6.53 2.58
N THR B 122 22.93 6.56 1.84
CA THR B 122 22.81 5.96 0.48
C THR B 122 21.67 6.59 -0.33
N GLN B 123 21.88 6.79 -1.63
CA GLN B 123 20.82 7.14 -2.62
C GLN B 123 20.64 5.97 -3.58
N VAL B 124 19.40 5.60 -3.88
CA VAL B 124 19.10 4.43 -4.77
C VAL B 124 18.39 4.99 -5.99
N CYS B 125 18.94 4.70 -7.18
CA CYS B 125 18.36 5.08 -8.48
C CYS B 125 17.96 3.79 -9.15
N VAL B 126 16.68 3.63 -9.43
CA VAL B 126 16.14 2.46 -10.16
C VAL B 126 15.66 3.00 -11.51
N GLU B 127 16.36 2.65 -12.59
CA GLU B 127 16.13 3.21 -13.95
C GLU B 127 15.37 2.19 -14.79
N GLY B 128 14.34 2.65 -15.48
CA GLY B 128 13.56 1.82 -16.40
C GLY B 128 12.61 2.65 -17.22
N ARG B 129 11.73 1.94 -17.94
CA ARG B 129 10.62 2.55 -18.69
C ARG B 129 9.39 2.59 -17.77
N LEU B 130 8.80 3.77 -17.59
CA LEU B 130 7.47 3.94 -16.96
C LEU B 130 6.45 4.29 -18.04
N TYR B 131 5.42 3.48 -18.19
CA TYR B 131 4.22 3.78 -19.01
C TYR B 131 3.06 4.07 -18.02
N LEU B 132 2.40 5.20 -18.21
CA LEU B 132 1.18 5.65 -17.51
C LEU B 132 0.04 5.79 -18.51
N GLU B 133 -1.20 5.40 -18.16
CA GLU B 133 -2.42 5.90 -18.85
C GLU B 133 -3.12 6.79 -17.81
N PHE B 134 -3.65 7.94 -18.20
CA PHE B 134 -4.41 8.84 -17.31
C PHE B 134 -5.82 9.02 -17.87
N MET B 135 -6.79 9.05 -16.98
CA MET B 135 -8.16 9.52 -17.26
C MET B 135 -8.03 10.92 -17.83
N PHE B 136 -8.64 11.20 -18.99
CA PHE B 136 -8.72 12.59 -19.52
C PHE B 136 -10.03 13.19 -19.01
N ASP B 137 -10.03 13.61 -17.74
CA ASP B 137 -11.15 14.34 -17.05
C ASP B 137 -10.53 15.46 -16.19
N ASP B 138 -11.33 16.15 -15.38
CA ASP B 138 -10.85 17.24 -14.49
C ASP B 138 -9.74 16.69 -13.59
N MET B 139 -9.93 15.50 -12.99
CA MET B 139 -9.05 14.91 -11.95
C MET B 139 -7.71 14.42 -12.53
N MET B 140 -7.68 13.93 -13.78
CA MET B 140 -6.45 13.45 -14.47
C MET B 140 -5.72 12.42 -13.61
N ARG B 141 -6.40 11.34 -13.22
CA ARG B 141 -5.83 10.31 -12.33
C ARG B 141 -5.30 9.12 -13.14
N ILE B 142 -4.36 8.39 -12.57
CA ILE B 142 -3.65 7.30 -13.28
C ILE B 142 -4.54 6.05 -13.35
N LYS B 143 -4.86 5.61 -14.57
CA LYS B 143 -5.60 4.36 -14.82
C LYS B 143 -4.60 3.20 -14.67
N THR B 144 -3.39 3.35 -15.20
CA THR B 144 -2.43 2.23 -15.39
C THR B 144 -1.02 2.70 -15.11
N TRP B 145 -0.25 1.86 -14.45
CA TRP B 145 1.14 2.18 -14.06
C TRP B 145 1.97 0.92 -14.28
N HIS B 146 2.88 0.96 -15.24
CA HIS B 146 3.81 -0.14 -15.61
C HIS B 146 5.23 0.44 -15.58
N PHE B 147 6.08 -0.05 -14.68
CA PHE B 147 7.49 0.37 -14.59
C PHE B 147 8.29 -0.90 -14.79
N SER B 148 8.93 -1.07 -15.94
CA SER B 148 9.84 -2.20 -16.23
C SER B 148 11.26 -1.70 -16.00
N ILE B 149 11.91 -2.23 -14.97
CA ILE B 149 13.23 -1.77 -14.50
C ILE B 149 14.33 -2.40 -15.36
N ARG B 150 15.30 -1.59 -15.80
CA ARG B 150 16.54 -2.06 -16.48
C ARG B 150 17.57 -2.37 -15.40
N GLN B 151 17.87 -1.38 -14.57
CA GLN B 151 19.02 -1.46 -13.63
C GLN B 151 18.74 -0.58 -12.44
N HIS B 152 19.55 -0.75 -11.40
CA HIS B 152 19.59 0.07 -10.18
C HIS B 152 21.06 0.27 -9.83
N ARG B 153 21.43 1.46 -9.39
CA ARG B 153 22.79 1.74 -8.86
C ARG B 153 22.59 2.42 -7.52
N GLU B 154 23.54 2.27 -6.62
CA GLU B 154 23.51 2.92 -5.30
C GLU B 154 24.68 3.87 -5.22
N LEU B 155 24.44 5.10 -4.75
CA LEU B 155 25.49 6.12 -4.50
C LEU B 155 25.64 6.32 -3.00
N ILE B 156 26.87 6.52 -2.52
CA ILE B 156 27.16 6.76 -1.08
C ILE B 156 27.92 8.06 -0.99
N PRO B 157 27.80 8.83 0.11
CA PRO B 157 28.62 10.02 0.29
C PRO B 157 30.09 9.66 0.13
N ARG B 158 30.83 10.56 -0.51
CA ARG B 158 32.32 10.52 -0.62
C ARG B 158 32.89 10.52 0.80
N SER B 159 32.23 11.20 1.75
CA SER B 159 32.70 11.32 3.15
C SER B 159 32.89 9.93 3.78
N ILE B 160 31.92 9.00 3.54
CA ILE B 160 31.91 7.62 4.12
C ILE B 160 33.17 6.89 3.65
N LEU B 161 33.62 7.18 2.45
CA LEU B 161 34.82 6.52 1.89
C LEU B 161 36.09 7.07 2.57
N ALA B 162 36.23 8.39 2.69
CA ALA B 162 37.29 9.06 3.50
C ALA B 162 37.38 8.36 4.88
N MET B 163 36.24 8.22 5.56
CA MET B 163 36.11 7.73 6.95
C MET B 163 36.79 6.36 7.10
N HIS B 164 36.49 5.44 6.17
CA HIS B 164 36.79 3.99 6.30
C HIS B 164 37.87 3.57 5.29
N ALA B 165 38.68 4.52 4.83
CA ALA B 165 39.85 4.34 3.90
C ALA B 165 40.69 3.12 4.31
N GLN B 166 40.92 2.97 5.61
CA GLN B 166 41.96 2.10 6.20
C GLN B 166 41.32 0.88 6.90
N ASP B 167 40.11 0.50 6.49
CA ASP B 167 39.30 -0.59 7.12
C ASP B 167 38.86 -1.53 6.00
N PRO B 168 39.71 -2.50 5.59
CA PRO B 168 39.36 -3.40 4.48
C PRO B 168 37.99 -4.04 4.70
N GLN B 169 37.73 -4.45 5.94
CA GLN B 169 36.48 -5.17 6.30
C GLN B 169 35.29 -4.22 6.12
N MET B 170 35.36 -3.00 6.64
CA MET B 170 34.25 -2.03 6.51
C MET B 170 34.07 -1.60 5.05
N LEU B 171 35.15 -1.52 4.26
CA LEU B 171 35.06 -1.21 2.82
C LEU B 171 34.44 -2.42 2.10
N ASP B 172 34.63 -3.63 2.60
CA ASP B 172 34.08 -4.85 1.95
C ASP B 172 32.57 -4.81 2.09
N GLN B 173 32.08 -4.35 3.26
CA GLN B 173 30.64 -4.27 3.58
C GLN B 173 30.01 -3.09 2.83
N LEU B 174 30.72 -1.95 2.73
CA LEU B 174 30.18 -0.75 2.03
C LEU B 174 30.05 -1.04 0.51
N SER B 175 30.81 -2.00 0.01
CA SER B 175 30.81 -2.52 -1.38
C SER B 175 29.47 -3.13 -1.76
N LYS B 176 28.71 -3.63 -0.78
CA LYS B 176 27.55 -4.51 -1.06
C LYS B 176 26.33 -3.61 -1.18
N ASN B 177 25.52 -3.85 -2.22
CA ASN B 177 24.18 -3.25 -2.36
C ASN B 177 23.36 -3.57 -1.09
N ILE B 178 22.56 -2.60 -0.61
CA ILE B 178 21.64 -2.75 0.54
C ILE B 178 20.23 -3.09 0.01
N THR B 179 19.94 -2.89 -1.28
CA THR B 179 18.64 -3.30 -1.90
C THR B 179 18.94 -4.35 -2.98
N ARG B 180 17.91 -4.90 -3.62
CA ARG B 180 18.07 -5.84 -4.78
C ARG B 180 17.66 -5.14 -6.07
N CYS B 181 16.51 -4.45 -6.12
CA CYS B 181 16.19 -3.44 -7.17
C CYS B 181 15.33 -2.32 -6.57
#